data_7ZR8
#
_entry.id   7ZR8
#
_cell.length_a   1.00
_cell.length_b   1.00
_cell.length_c   1.00
_cell.angle_alpha   90.00
_cell.angle_beta   90.00
_cell.angle_gamma   90.00
#
_symmetry.space_group_name_H-M   'P 1'
#
loop_
_entity.id
_entity.type
_entity.pdbx_description
1 polymer 'Spike glycoprotein,Fibritin'
2 polymer 'Omi-38 fab heavy chain'
3 polymer 'Omi-38 Fab light chain'
4 non-polymer 2-acetamido-2-deoxy-beta-D-glucopyranose
#
loop_
_entity_poly.entity_id
_entity_poly.type
_entity_poly.pdbx_seq_one_letter_code
_entity_poly.pdbx_strand_id
1 'polypeptide(L)'
;MFVFLVLLPLVSSQCVNFTTRTQLPPAYTNSFTRGVYYPDKVFRSSVLHSTQDLFLPFFSNVTWFHAIHVSGTNGTKRFA
NPVLPFNDGVYFASTEKSNIIRGWIFGTTLDSKTQSLLIVNNATNVVIKVCEFQFCNDPFLGVYYHKNNKSWMESEFRVY
SSANNCTFEYVSQPFLMDLEGKQGNFKNLREFVFKNIDGYFKIYSKHTPINLVRGLPQGFSALEPLVDLPIGINITRFQT
LHISYLTPGDSSSGWTAGAAAYYVGYLQPRTFLLKYNENGTITDAVDCALDPLSETKCTLKSFTVEKGIYQTSNFRVQPT
ESIVRFPNITNLCPFGEVFNATRFASVYAWNRKRISNCVADYSVLYNSASFSTFKCYGVSPTKLNDLCFTNVYADSFVIR
GDEVRQIAPGQTGNIADYNYKLPDDFTGCVIAWNSNNLDSKVGGNYNYLYRLFRKSNLKPFERDISTEIYQAGSTPCNGV
KGFNCYFPLQSYGFQPTYGVGYQPYRVVVLSFELLHAPATVCGPKKSTNLVKNKCVNFNFNGLTGTGVLTESNKKFLPFQ
QFGRDIADTTDAVRDPQTLEILDITPCSFGGVSVITPGTNTSNQVAVLYQGVNCTEVPVAIHADQLTPTWRVYSTGSNVF
QTRAGCLIGAEHVNNSYECDIPIGAGICASYQTQTNSPGSASSVASQSIIAYTMSLGVENSVAYSNNSIAIPTNFTISVT
TEILPVSMTKTSVDCTMYICGDSTECSNLLLQYGSFCTQLNRALTGIAVEQDKNTQEVFAQVKQIYKTPPIKDFGGFNFS
QILPDPSKPSKRSFIEDLLFNKVTLADAGFIKQYGDCLGDIAARDLICAQKFNGLTVLPPLLTDEMIAQYTSALLAGTIT
SGWTFGAGAALQIPFAMQMAYRFNGIGVTQNVLYENQKLIANQFNSAIGKIQDSLSSTASALGKLQDVVNQNAQALNTLV
KQLSSNFGAISSVLNDILSRLDPPEAEVQIDRLITGRLQSLQTYVTQQLIRAAEIRASANLAATKMSECVLGQSKRVDFC
GKGYHLMSFPQSAPHGVVFLHVTYVPAQEKNFTTAPAICHDGKAHFPREGVFVSNGTHWFVTQRNFYEPQIITTDNTFVS
GNCDVVIGIVNNTVYDPLQPELDSFKEELDKYFKNHTSPDVDLGDISGINASVVNIQKEIDRLNEVAKNLNESLIDLQEL
GKYEQGSGYIPEAPRDGQAYVRKDGEWVLLSTFLGRSLEVLFQGPGHHHHHHHHGSAWSHPQFEKGGGSGGGSGGSAWSH
PQFEK
;
A
2 'polypeptide(L)'
;QVQLVESGAEVKKPGSSVKVSCKASGGNFNMYTISWVRQAPGRGLEWMGRFIPIANKANYAQNFPGRVTITADKSTSTVY
MELRSLTSDDTAVYYCARSGSYDAFDVWGQGTMVTVSS
;
H
3 'polypeptide(L)'
;AIRMTQSPSTLSASVGDRVTITCRASQTINSWLAWYQQKPGKAPKLLIYDASNLESGVPSRFSGSGSGTEFTLTISSLQP
DDFATYYCQQYESYSPITFGQGTRLEIK
;
L
#
# COMPACT_ATOMS: atom_id res chain seq x y z
N THR A 320 -35.69 30.94 -23.71
CA THR A 320 -36.25 30.13 -24.79
C THR A 320 -35.39 28.91 -25.06
N GLU A 321 -34.09 29.01 -24.78
CA GLU A 321 -33.17 27.91 -24.97
C GLU A 321 -32.04 28.02 -23.96
N SER A 322 -31.39 26.89 -23.71
CA SER A 322 -30.26 26.82 -22.79
C SER A 322 -28.96 26.72 -23.58
N ILE A 323 -27.92 27.36 -23.06
CA ILE A 323 -26.61 27.34 -23.69
C ILE A 323 -25.58 27.00 -22.61
N VAL A 324 -25.22 25.73 -22.52
CA VAL A 324 -24.26 25.27 -21.51
C VAL A 324 -22.88 25.39 -22.14
N ARG A 325 -22.25 26.56 -21.99
CA ARG A 325 -20.99 26.85 -22.65
C ARG A 325 -19.83 26.62 -21.67
N PHE A 326 -19.48 25.35 -21.49
CA PHE A 326 -18.37 24.97 -20.63
C PHE A 326 -17.04 25.17 -21.34
N PRO A 327 -15.94 25.21 -20.58
CA PRO A 327 -14.62 25.25 -21.21
C PRO A 327 -14.35 24.00 -22.02
N ASN A 328 -13.54 24.16 -23.07
CA ASN A 328 -13.24 23.08 -24.00
C ASN A 328 -12.01 22.32 -23.51
N ILE A 329 -12.22 21.08 -23.09
CA ILE A 329 -11.12 20.20 -22.68
C ILE A 329 -11.64 18.77 -22.79
N THR A 330 -10.73 17.85 -23.14
CA THR A 330 -11.10 16.46 -23.38
C THR A 330 -10.34 15.47 -22.52
N ASN A 331 -9.43 15.93 -21.65
CA ASN A 331 -8.69 15.01 -20.80
C ASN A 331 -9.64 14.34 -19.81
N LEU A 332 -9.43 13.05 -19.58
CA LEU A 332 -10.21 12.30 -18.60
C LEU A 332 -9.47 12.31 -17.27
N CYS A 333 -10.18 12.69 -16.21
CA CYS A 333 -9.55 12.77 -14.90
C CYS A 333 -9.13 11.38 -14.43
N PRO A 334 -7.97 11.26 -13.77
CA PRO A 334 -7.46 9.94 -13.38
C PRO A 334 -8.14 9.38 -12.14
N PHE A 335 -9.46 9.23 -12.22
CA PHE A 335 -10.19 8.52 -11.16
C PHE A 335 -9.90 7.03 -11.20
N GLY A 336 -9.37 6.53 -12.31
CA GLY A 336 -8.92 5.15 -12.36
C GLY A 336 -7.57 4.89 -11.74
N GLU A 337 -6.87 5.95 -11.32
CA GLU A 337 -5.60 5.82 -10.64
C GLU A 337 -5.70 6.14 -9.16
N VAL A 338 -6.86 6.56 -8.67
CA VAL A 338 -7.07 6.80 -7.26
C VAL A 338 -8.03 5.80 -6.63
N PHE A 339 -9.00 5.29 -7.39
CA PHE A 339 -9.91 4.27 -6.89
C PHE A 339 -9.43 2.86 -7.18
N ASN A 340 -8.43 2.69 -8.04
CA ASN A 340 -7.91 1.38 -8.42
C ASN A 340 -6.43 1.23 -8.10
N ALA A 341 -5.94 1.98 -7.12
CA ALA A 341 -4.56 1.83 -6.70
C ALA A 341 -4.37 0.51 -5.98
N THR A 342 -3.24 -0.16 -6.24
CA THR A 342 -2.98 -1.44 -5.59
C THR A 342 -2.84 -1.26 -4.07
N ARG A 343 -2.14 -0.21 -3.64
CA ARG A 343 -1.98 0.07 -2.23
C ARG A 343 -2.55 1.44 -1.90
N PHE A 344 -3.43 1.50 -0.91
CA PHE A 344 -3.91 2.76 -0.37
C PHE A 344 -3.06 3.14 0.84
N ALA A 345 -2.75 4.42 0.93
CA ALA A 345 -1.86 4.88 1.99
C ALA A 345 -2.50 4.69 3.35
N SER A 346 -1.64 4.54 4.36
CA SER A 346 -2.12 4.45 5.74
C SER A 346 -2.87 5.71 6.11
N VAL A 347 -3.80 5.58 7.06
CA VAL A 347 -4.68 6.70 7.38
C VAL A 347 -3.89 7.87 7.95
N TYR A 348 -2.84 7.58 8.72
CA TYR A 348 -2.02 8.66 9.27
C TYR A 348 -1.15 9.31 8.20
N ALA A 349 -0.91 8.64 7.07
CA ALA A 349 -0.13 9.20 5.98
C ALA A 349 -0.94 9.18 4.69
N TRP A 350 -2.19 9.62 4.78
CA TRP A 350 -3.11 9.52 3.65
C TRP A 350 -2.58 10.24 2.42
N ASN A 351 -2.63 9.56 1.28
CA ASN A 351 -2.21 10.17 0.03
C ASN A 351 -3.20 11.21 -0.42
N ARG A 352 -2.70 12.36 -0.88
CA ARG A 352 -3.51 13.41 -1.46
C ARG A 352 -3.05 13.66 -2.89
N LYS A 353 -4.00 13.62 -3.82
CA LYS A 353 -3.73 13.86 -5.23
C LYS A 353 -4.57 15.04 -5.70
N ARG A 354 -3.92 16.02 -6.32
CA ARG A 354 -4.61 17.18 -6.86
C ARG A 354 -4.96 16.91 -8.32
N ILE A 355 -6.25 16.93 -8.63
CA ILE A 355 -6.75 16.60 -9.97
C ILE A 355 -7.21 17.88 -10.64
N SER A 356 -6.70 18.13 -11.85
CA SER A 356 -7.01 19.35 -12.57
C SER A 356 -6.80 19.13 -14.06
N ASN A 357 -7.33 20.06 -14.86
CA ASN A 357 -7.17 20.07 -16.31
C ASN A 357 -7.67 18.77 -16.94
N CYS A 358 -8.90 18.38 -16.59
CA CYS A 358 -9.48 17.17 -17.11
C CYS A 358 -11.00 17.23 -16.97
N VAL A 359 -11.68 16.34 -17.68
CA VAL A 359 -13.12 16.19 -17.61
C VAL A 359 -13.43 15.03 -16.68
N ALA A 360 -14.15 15.30 -15.59
CA ALA A 360 -14.45 14.29 -14.59
C ALA A 360 -15.89 13.81 -14.79
N ASP A 361 -16.05 12.52 -15.06
CA ASP A 361 -17.37 11.91 -15.24
C ASP A 361 -17.73 11.22 -13.92
N TYR A 362 -18.28 12.00 -13.00
CA TYR A 362 -18.58 11.47 -11.67
C TYR A 362 -19.66 10.39 -11.72
N SER A 363 -20.54 10.43 -12.72
CA SER A 363 -21.56 9.40 -12.86
C SER A 363 -20.92 8.04 -13.13
N VAL A 364 -19.85 8.03 -13.95
CA VAL A 364 -19.17 6.76 -14.25
C VAL A 364 -18.59 6.15 -12.98
N LEU A 365 -17.91 6.97 -12.17
CA LEU A 365 -17.37 6.46 -10.92
C LEU A 365 -18.45 6.16 -9.89
N TYR A 366 -19.61 6.82 -10.00
CA TYR A 366 -20.70 6.52 -9.07
C TYR A 366 -21.24 5.12 -9.30
N ASN A 367 -21.55 4.77 -10.55
CA ASN A 367 -22.00 3.43 -10.89
C ASN A 367 -20.85 2.61 -11.44
N SER A 368 -19.84 2.34 -10.61
CA SER A 368 -18.68 1.56 -11.02
C SER A 368 -18.38 0.38 -10.11
N ALA A 369 -18.73 0.48 -8.83
CA ALA A 369 -18.44 -0.59 -7.88
C ALA A 369 -19.50 -0.61 -6.78
N SER A 370 -19.20 -1.29 -5.67
CA SER A 370 -20.08 -1.36 -4.52
C SER A 370 -19.54 -0.42 -3.44
N PHE A 371 -19.93 0.86 -3.53
CA PHE A 371 -19.47 1.89 -2.58
C PHE A 371 -20.42 1.89 -1.39
N SER A 372 -19.94 1.33 -0.28
CA SER A 372 -20.77 1.23 0.93
C SER A 372 -21.15 2.60 1.48
N THR A 373 -20.40 3.66 1.16
CA THR A 373 -20.69 5.00 1.66
C THR A 373 -20.32 6.00 0.57
N PHE A 374 -21.31 6.75 0.10
CA PHE A 374 -21.11 7.80 -0.89
C PHE A 374 -21.71 9.11 -0.41
N LYS A 375 -21.43 9.45 0.85
CA LYS A 375 -21.93 10.69 1.42
C LYS A 375 -21.25 11.87 0.75
N CYS A 376 -22.04 12.72 0.09
CA CYS A 376 -21.55 13.95 -0.52
C CYS A 376 -22.06 15.13 0.31
N TYR A 377 -21.14 15.95 0.81
CA TYR A 377 -21.47 17.06 1.69
C TYR A 377 -21.33 18.37 0.92
N GLY A 378 -22.43 19.11 0.83
CA GLY A 378 -22.45 20.39 0.17
C GLY A 378 -22.84 20.35 -1.30
N VAL A 379 -22.96 19.16 -1.90
CA VAL A 379 -23.33 19.04 -3.30
C VAL A 379 -23.92 17.65 -3.55
N SER A 380 -25.04 17.59 -4.25
CA SER A 380 -25.69 16.31 -4.51
C SER A 380 -24.83 15.47 -5.46
N PRO A 381 -24.80 14.15 -5.28
CA PRO A 381 -23.98 13.31 -6.17
C PRO A 381 -24.37 13.40 -7.64
N THR A 382 -25.66 13.56 -7.93
CA THR A 382 -26.10 13.57 -9.33
C THR A 382 -25.75 14.89 -10.01
N LYS A 383 -25.63 15.97 -9.26
CA LYS A 383 -25.34 17.29 -9.83
C LYS A 383 -23.86 17.50 -10.11
N LEU A 384 -23.01 16.52 -9.80
CA LEU A 384 -21.57 16.69 -10.00
C LEU A 384 -21.20 16.84 -11.47
N ASN A 385 -21.97 16.24 -12.37
CA ASN A 385 -21.68 16.36 -13.80
C ASN A 385 -21.98 17.74 -14.35
N ASP A 386 -22.78 18.54 -13.64
CA ASP A 386 -23.21 19.84 -14.14
C ASP A 386 -22.44 21.00 -13.52
N LEU A 387 -21.32 20.73 -12.86
CA LEU A 387 -20.56 21.76 -12.17
C LEU A 387 -19.10 21.71 -12.60
N CYS A 388 -18.44 22.86 -12.55
CA CYS A 388 -17.02 22.98 -12.78
C CYS A 388 -16.34 23.41 -11.50
N PHE A 389 -15.30 22.69 -11.11
CA PHE A 389 -14.61 22.91 -9.84
C PHE A 389 -13.21 23.45 -10.09
N THR A 390 -12.78 24.36 -9.21
CA THR A 390 -11.44 24.93 -9.34
C THR A 390 -10.37 23.88 -9.08
N ASN A 391 -10.50 23.13 -7.99
CA ASN A 391 -9.54 22.10 -7.63
C ASN A 391 -10.27 20.92 -6.99
N VAL A 392 -9.89 19.72 -7.40
CA VAL A 392 -10.43 18.49 -6.83
C VAL A 392 -9.27 17.73 -6.22
N TYR A 393 -9.37 17.44 -4.93
CA TYR A 393 -8.38 16.66 -4.20
C TYR A 393 -8.98 15.32 -3.82
N ALA A 394 -8.21 14.25 -4.01
CA ALA A 394 -8.68 12.89 -3.72
C ALA A 394 -7.81 12.32 -2.60
N ASP A 395 -8.21 12.58 -1.36
CA ASP A 395 -7.51 12.05 -0.20
C ASP A 395 -7.97 10.61 0.01
N SER A 396 -7.04 9.66 -0.11
CA SER A 396 -7.36 8.24 -0.01
C SER A 396 -6.60 7.61 1.13
N PHE A 397 -7.25 6.67 1.81
CA PHE A 397 -6.64 5.95 2.93
C PHE A 397 -7.45 4.69 3.20
N VAL A 398 -7.06 3.95 4.23
CA VAL A 398 -7.72 2.71 4.63
C VAL A 398 -8.12 2.82 6.09
N ILE A 399 -9.39 2.57 6.38
CA ILE A 399 -9.98 2.74 7.70
C ILE A 399 -10.88 1.55 7.98
N ARG A 400 -10.87 1.08 9.22
CA ARG A 400 -11.73 -0.03 9.59
C ARG A 400 -13.20 0.40 9.58
N GLY A 401 -14.09 -0.59 9.54
CA GLY A 401 -15.50 -0.31 9.31
C GLY A 401 -16.11 0.59 10.37
N ASP A 402 -15.81 0.33 11.65
CA ASP A 402 -16.42 1.11 12.72
C ASP A 402 -16.03 2.58 12.68
N GLU A 403 -14.90 2.91 12.06
CA GLU A 403 -14.41 4.29 12.02
C GLU A 403 -14.75 5.01 10.73
N VAL A 404 -15.46 4.35 9.81
CA VAL A 404 -15.85 5.02 8.57
C VAL A 404 -16.78 6.19 8.86
N ARG A 405 -17.66 6.04 9.85
CA ARG A 405 -18.57 7.11 10.23
C ARG A 405 -17.83 8.36 10.72
N GLN A 406 -16.58 8.20 11.17
CA GLN A 406 -15.82 9.34 11.66
C GLN A 406 -15.27 10.21 10.53
N ILE A 407 -15.36 9.76 9.29
CA ILE A 407 -14.91 10.56 8.14
C ILE A 407 -16.13 11.37 7.69
N ALA A 408 -16.35 12.49 8.37
CA ALA A 408 -17.45 13.41 8.11
C ALA A 408 -17.24 14.66 8.93
N PRO A 409 -17.74 15.81 8.49
CA PRO A 409 -17.63 17.03 9.30
C PRO A 409 -18.35 16.87 10.64
N GLY A 410 -17.78 17.47 11.67
CA GLY A 410 -18.39 17.42 12.99
C GLY A 410 -18.29 16.08 13.69
N GLN A 411 -17.31 15.26 13.34
CA GLN A 411 -17.10 13.96 13.98
C GLN A 411 -15.94 14.03 14.95
N THR A 412 -15.95 13.12 15.92
CA THR A 412 -14.92 13.05 16.95
C THR A 412 -14.44 11.62 17.11
N GLY A 413 -13.21 11.48 17.57
CA GLY A 413 -12.61 10.18 17.76
C GLY A 413 -11.13 10.24 17.45
N ASN A 414 -10.49 9.07 17.50
CA ASN A 414 -9.08 8.99 17.17
C ASN A 414 -8.83 9.31 15.70
N ILE A 415 -9.71 8.84 14.81
CA ILE A 415 -9.52 9.08 13.39
C ILE A 415 -9.72 10.55 13.05
N ALA A 416 -10.80 11.15 13.57
CA ALA A 416 -11.16 12.51 13.20
C ALA A 416 -10.33 13.57 13.90
N ASP A 417 -9.55 13.20 14.92
CA ASP A 417 -8.73 14.16 15.65
C ASP A 417 -7.24 13.91 15.51
N TYR A 418 -6.81 12.66 15.43
CA TYR A 418 -5.40 12.33 15.39
C TYR A 418 -4.89 11.95 14.01
N ASN A 419 -5.76 11.52 13.09
CA ASN A 419 -5.34 11.03 11.79
C ASN A 419 -5.81 11.90 10.64
N TYR A 420 -7.12 12.14 10.52
CA TYR A 420 -7.66 12.85 9.37
C TYR A 420 -8.85 13.68 9.82
N LYS A 421 -8.73 14.99 9.71
CA LYS A 421 -9.76 15.93 10.16
C LYS A 421 -10.39 16.63 8.97
N LEU A 422 -11.68 16.41 8.77
CA LEU A 422 -12.45 17.10 7.73
C LEU A 422 -12.98 18.42 8.28
N PRO A 423 -12.85 19.51 7.53
CA PRO A 423 -13.31 20.81 8.04
C PRO A 423 -14.82 20.86 8.17
N ASP A 424 -15.28 21.75 9.06
CA ASP A 424 -16.71 21.97 9.24
C ASP A 424 -17.36 22.57 8.01
N ASP A 425 -16.60 23.27 7.18
CA ASP A 425 -17.08 23.82 5.91
C ASP A 425 -16.69 22.92 4.73
N PHE A 426 -16.69 21.61 4.96
CA PHE A 426 -16.31 20.66 3.92
C PHE A 426 -17.28 20.72 2.75
N THR A 427 -16.74 20.72 1.53
CA THR A 427 -17.52 20.78 0.30
C THR A 427 -16.99 19.70 -0.64
N GLY A 428 -17.56 18.52 -0.57
CA GLY A 428 -17.11 17.42 -1.40
C GLY A 428 -17.71 16.12 -0.95
N CYS A 429 -17.49 15.09 -1.76
CA CYS A 429 -18.00 13.76 -1.49
C CYS A 429 -17.02 12.97 -0.63
N VAL A 430 -17.56 11.98 0.08
CA VAL A 430 -16.77 11.03 0.85
C VAL A 430 -17.17 9.64 0.40
N ILE A 431 -16.22 8.91 -0.17
CA ILE A 431 -16.49 7.61 -0.79
C ILE A 431 -15.71 6.55 -0.05
N ALA A 432 -16.35 5.40 0.17
CA ALA A 432 -15.72 4.31 0.90
C ALA A 432 -16.38 3.00 0.51
N TRP A 433 -15.58 1.94 0.41
CA TRP A 433 -16.10 0.62 0.10
C TRP A 433 -15.32 -0.42 0.88
N ASN A 434 -16.03 -1.48 1.31
CA ASN A 434 -15.42 -2.54 2.10
C ASN A 434 -14.50 -3.36 1.22
N SER A 435 -13.20 -3.11 1.33
CA SER A 435 -12.21 -3.86 0.57
C SER A 435 -11.57 -4.88 1.51
N ASN A 436 -12.25 -6.00 1.68
CA ASN A 436 -11.73 -7.11 2.47
C ASN A 436 -10.96 -8.12 1.61
N ASN A 437 -10.99 -7.97 0.29
CA ASN A 437 -10.29 -8.85 -0.62
C ASN A 437 -8.93 -8.32 -1.04
N LEU A 438 -8.55 -7.14 -0.56
CA LEU A 438 -7.30 -6.51 -0.96
C LEU A 438 -6.45 -6.01 0.20
N ASP A 439 -7.03 -5.73 1.36
CA ASP A 439 -6.28 -5.14 2.47
C ASP A 439 -6.36 -5.98 3.73
N SER A 440 -6.72 -7.26 3.61
CA SER A 440 -6.79 -8.16 4.74
C SER A 440 -6.07 -9.46 4.38
N LYS A 441 -5.21 -9.92 5.28
CA LYS A 441 -4.42 -11.12 5.06
C LYS A 441 -4.60 -12.06 6.24
N VAL A 442 -4.37 -13.35 5.99
CA VAL A 442 -4.71 -14.38 6.98
C VAL A 442 -3.93 -14.18 8.26
N GLY A 443 -2.63 -13.93 8.15
CA GLY A 443 -1.83 -13.69 9.34
C GLY A 443 -2.04 -12.33 9.97
N GLY A 444 -2.55 -11.37 9.20
CA GLY A 444 -2.75 -10.03 9.70
C GLY A 444 -1.97 -8.99 8.91
N ASN A 445 -2.68 -8.02 8.34
CA ASN A 445 -2.06 -6.98 7.53
C ASN A 445 -1.76 -5.78 8.44
N TYR A 446 -0.49 -5.55 8.71
CA TYR A 446 -0.06 -4.49 9.62
C TYR A 446 0.52 -3.28 8.91
N ASN A 447 0.35 -3.19 7.58
CA ASN A 447 0.87 -2.04 6.85
C ASN A 447 0.10 -0.76 7.13
N TYR A 448 -1.11 -0.87 7.68
CA TYR A 448 -1.97 0.28 7.91
C TYR A 448 -1.91 0.66 9.38
N LEU A 449 -1.46 1.89 9.65
CA LEU A 449 -1.26 2.38 11.00
C LEU A 449 -2.10 3.63 11.21
N TYR A 450 -2.77 3.71 12.36
CA TYR A 450 -3.51 4.90 12.74
C TYR A 450 -2.88 5.51 13.99
N ARG A 451 -2.70 6.82 13.98
CA ARG A 451 -2.15 7.50 15.13
C ARG A 451 -3.10 7.38 16.31
N LEU A 452 -2.55 7.17 17.49
CA LEU A 452 -3.35 6.90 18.68
C LEU A 452 -3.14 7.88 19.81
N PHE A 453 -1.96 8.52 19.88
CA PHE A 453 -1.69 9.51 20.92
C PHE A 453 -1.10 10.75 20.27
N ARG A 454 -1.68 11.91 20.59
CA ARG A 454 -1.19 13.18 20.07
C ARG A 454 -1.51 14.28 21.07
N LYS A 455 -0.70 15.33 21.05
CA LYS A 455 -0.89 16.43 21.99
C LYS A 455 -2.22 17.15 21.75
N SER A 456 -2.47 17.55 20.50
CA SER A 456 -3.66 18.31 20.15
C SER A 456 -4.32 17.71 18.93
N ASN A 457 -5.63 17.90 18.83
CA ASN A 457 -6.38 17.39 17.69
C ASN A 457 -5.94 18.08 16.41
N LEU A 458 -6.01 17.34 15.30
CA LEU A 458 -5.52 17.84 14.03
C LEU A 458 -6.40 18.96 13.49
N LYS A 459 -5.77 19.95 12.88
CA LYS A 459 -6.49 20.94 12.12
C LYS A 459 -7.02 20.31 10.84
N PRO A 460 -8.03 20.93 10.21
CA PRO A 460 -8.60 20.33 8.98
C PRO A 460 -7.53 20.15 7.90
N PHE A 461 -7.53 18.95 7.32
CA PHE A 461 -6.63 18.58 6.22
C PHE A 461 -5.16 18.78 6.61
N GLU A 462 -4.74 18.04 7.63
CA GLU A 462 -3.37 18.08 8.11
C GLU A 462 -2.83 16.67 8.23
N ARG A 463 -1.63 16.45 7.71
CA ARG A 463 -0.95 15.16 7.78
C ARG A 463 0.23 15.27 8.72
N ASP A 464 0.21 14.49 9.79
CA ASP A 464 1.28 14.47 10.79
C ASP A 464 1.86 13.06 10.83
N ILE A 465 3.03 12.87 10.22
CA ILE A 465 3.61 11.55 10.07
C ILE A 465 4.83 11.38 10.98
N SER A 466 4.84 12.10 12.10
CA SER A 466 5.92 11.99 13.06
C SER A 466 5.69 10.77 13.95
N THR A 467 6.74 9.96 14.11
CA THR A 467 6.66 8.73 14.89
C THR A 467 7.39 8.85 16.23
N GLU A 468 7.62 10.07 16.70
CA GLU A 468 8.29 10.26 17.98
C GLU A 468 7.42 9.74 19.11
N ILE A 469 8.08 9.16 20.13
CA ILE A 469 7.36 8.59 21.26
C ILE A 469 6.60 9.70 21.99
N TYR A 470 5.33 9.44 22.29
CA TYR A 470 4.51 10.42 23.00
C TYR A 470 4.72 10.27 24.49
N GLN A 471 5.03 11.37 25.17
CA GLN A 471 5.28 11.37 26.60
C GLN A 471 3.96 11.57 27.34
N ALA A 472 3.44 10.50 27.91
CA ALA A 472 2.18 10.54 28.64
C ALA A 472 2.37 10.77 30.14
N GLY A 473 3.61 10.92 30.60
CA GLY A 473 3.89 11.13 32.01
C GLY A 473 4.81 12.32 32.23
N SER A 474 5.17 12.51 33.49
CA SER A 474 6.06 13.62 33.85
C SER A 474 7.50 13.31 33.45
N THR A 475 7.93 12.07 33.63
CA THR A 475 9.30 11.70 33.30
C THR A 475 9.51 11.74 31.79
N PRO A 476 10.59 12.36 31.31
CA PRO A 476 10.84 12.38 29.86
C PRO A 476 11.16 10.99 29.34
N CYS A 477 10.80 10.76 28.08
CA CYS A 477 11.03 9.47 27.43
C CYS A 477 12.38 9.40 26.73
N ASN A 478 12.84 10.52 26.18
CA ASN A 478 14.15 10.59 25.51
C ASN A 478 14.25 9.58 24.37
N GLY A 479 13.15 9.39 23.64
CA GLY A 479 13.14 8.50 22.50
C GLY A 479 13.09 7.03 22.83
N VAL A 480 12.88 6.66 24.09
CA VAL A 480 12.80 5.27 24.52
C VAL A 480 11.40 5.03 25.07
N LYS A 481 10.71 4.03 24.53
CA LYS A 481 9.36 3.71 24.98
C LYS A 481 9.39 2.82 26.20
N GLY A 482 8.53 3.14 27.17
CA GLY A 482 8.46 2.39 28.42
C GLY A 482 7.28 2.83 29.26
N PHE A 483 7.51 3.00 30.56
CA PHE A 483 6.45 3.47 31.45
C PHE A 483 6.09 4.91 31.10
N ASN A 484 4.80 5.16 30.91
CA ASN A 484 4.30 6.48 30.50
C ASN A 484 4.92 6.94 29.19
N CYS A 485 5.32 6.00 28.34
CA CYS A 485 5.92 6.31 27.04
C CYS A 485 5.40 5.29 26.05
N TYR A 486 4.64 5.75 25.05
CA TYR A 486 4.00 4.87 24.09
C TYR A 486 4.31 5.32 22.68
N PHE A 487 4.35 4.35 21.76
CA PHE A 487 4.51 4.67 20.35
C PHE A 487 3.20 5.21 19.79
N PRO A 488 3.20 6.39 19.17
CA PRO A 488 1.92 7.01 18.78
C PRO A 488 1.11 6.18 17.81
N LEU A 489 1.76 5.47 16.89
CA LEU A 489 1.06 4.73 15.86
C LEU A 489 0.78 3.30 16.34
N GLN A 490 -0.45 2.85 16.14
CA GLN A 490 -0.85 1.49 16.47
C GLN A 490 -1.47 0.85 15.23
N SER A 491 -1.05 -0.36 14.91
CA SER A 491 -1.53 -1.01 13.72
C SER A 491 -2.98 -1.45 13.86
N TYR A 492 -3.61 -1.73 12.71
CA TYR A 492 -4.94 -2.30 12.68
C TYR A 492 -4.90 -3.83 12.70
N GLY A 493 -4.15 -4.42 11.78
CA GLY A 493 -4.07 -5.87 11.70
C GLY A 493 -5.33 -6.50 11.15
N PHE A 494 -5.69 -6.14 9.92
CA PHE A 494 -6.90 -6.69 9.31
C PHE A 494 -6.71 -8.16 8.96
N GLN A 495 -7.76 -8.94 9.15
CA GLN A 495 -7.79 -10.35 8.79
C GLN A 495 -9.10 -10.65 8.08
N PRO A 496 -9.12 -11.61 7.16
CA PRO A 496 -10.36 -11.93 6.45
C PRO A 496 -11.46 -12.47 7.36
N THR A 497 -11.12 -13.00 8.53
CA THR A 497 -12.09 -13.53 9.48
C THR A 497 -12.44 -12.52 10.58
N TYR A 498 -12.05 -11.26 10.41
CA TYR A 498 -12.40 -10.23 11.37
C TYR A 498 -13.88 -9.89 11.25
N GLY A 499 -14.36 -9.05 12.16
CA GLY A 499 -15.74 -8.62 12.11
C GLY A 499 -16.03 -7.72 10.92
N VAL A 500 -17.31 -7.67 10.55
CA VAL A 500 -17.71 -6.83 9.42
C VAL A 500 -17.41 -5.36 9.69
N GLY A 501 -17.59 -4.94 10.94
CA GLY A 501 -17.22 -3.60 11.33
C GLY A 501 -15.75 -3.42 11.64
N TYR A 502 -14.95 -4.48 11.49
CA TYR A 502 -13.52 -4.44 11.73
C TYR A 502 -12.71 -4.73 10.46
N GLN A 503 -13.34 -4.63 9.30
CA GLN A 503 -12.66 -4.84 8.03
C GLN A 503 -12.20 -3.53 7.44
N PRO A 504 -11.18 -3.55 6.57
CA PRO A 504 -10.64 -2.31 6.02
C PRO A 504 -11.54 -1.73 4.92
N TYR A 505 -11.87 -0.45 5.06
CA TYR A 505 -12.68 0.28 4.08
C TYR A 505 -11.79 1.29 3.39
N ARG A 506 -11.54 1.09 2.10
CA ARG A 506 -10.69 2.00 1.34
C ARG A 506 -11.46 3.29 1.07
N VAL A 507 -11.24 4.29 1.90
CA VAL A 507 -11.95 5.56 1.81
C VAL A 507 -11.25 6.46 0.80
N VAL A 508 -12.03 7.17 0.00
CA VAL A 508 -11.53 8.15 -0.96
C VAL A 508 -12.36 9.41 -0.78
N VAL A 509 -11.76 10.44 -0.22
CA VAL A 509 -12.46 11.68 0.12
C VAL A 509 -12.16 12.71 -0.97
N LEU A 510 -13.16 13.04 -1.77
CA LEU A 510 -13.04 14.08 -2.77
C LEU A 510 -13.41 15.43 -2.14
N SER A 511 -12.56 16.43 -2.36
CA SER A 511 -12.75 17.75 -1.76
C SER A 511 -12.76 18.79 -2.87
N PHE A 512 -13.93 19.04 -3.44
CA PHE A 512 -14.05 20.04 -4.49
C PHE A 512 -13.80 21.43 -3.91
N GLU A 513 -12.93 22.20 -4.57
CA GLU A 513 -12.68 23.59 -4.16
C GLU A 513 -13.60 24.47 -4.98
N LEU A 514 -14.81 24.67 -4.47
CA LEU A 514 -15.89 25.31 -5.22
C LEU A 514 -15.63 26.80 -5.31
N LEU A 515 -14.94 27.21 -6.37
CA LEU A 515 -14.69 28.62 -6.65
C LEU A 515 -15.12 29.03 -8.04
N HIS A 516 -14.97 28.16 -9.04
CA HIS A 516 -15.50 28.31 -10.39
C HIS A 516 -14.79 29.39 -11.20
N ALA A 517 -13.89 30.16 -10.59
CA ALA A 517 -13.27 31.23 -11.36
C ALA A 517 -12.20 30.65 -12.29
N PRO A 518 -11.14 29.97 -11.79
CA PRO A 518 -10.25 29.24 -12.71
C PRO A 518 -10.71 27.79 -12.89
N ALA A 519 -11.98 27.62 -13.23
CA ALA A 519 -12.59 26.29 -13.28
C ALA A 519 -11.89 25.43 -14.31
N THR A 520 -11.31 24.32 -13.86
CA THR A 520 -10.52 23.45 -14.73
C THR A 520 -11.05 22.02 -14.75
N VAL A 521 -11.61 21.53 -13.64
CA VAL A 521 -12.27 20.23 -13.63
C VAL A 521 -13.76 20.44 -13.88
N CYS A 522 -14.30 19.73 -14.87
CA CYS A 522 -15.70 19.88 -15.25
C CYS A 522 -16.30 18.52 -15.55
N GLY A 523 -17.63 18.47 -15.57
CA GLY A 523 -18.33 17.31 -16.06
C GLY A 523 -18.35 17.28 -17.57
N PRO A 524 -18.82 16.15 -18.12
CA PRO A 524 -18.84 16.03 -19.58
C PRO A 524 -19.67 17.11 -20.25
N LYS A 525 -20.97 17.14 -19.94
CA LYS A 525 -21.85 18.28 -20.21
C LYS A 525 -21.61 18.92 -21.57
N LYS A 526 -21.86 18.18 -22.65
CA LYS A 526 -21.58 18.65 -24.01
C LYS A 526 -22.09 20.07 -24.21
N SER A 527 -21.21 20.94 -24.71
CA SER A 527 -21.52 22.34 -24.87
C SER A 527 -22.40 22.60 -26.08
N THR A 528 -23.04 23.76 -26.10
CA THR A 528 -23.84 24.21 -27.23
C THR A 528 -23.30 25.56 -27.72
N ASN A 529 -23.88 26.02 -28.82
CA ASN A 529 -23.45 27.26 -29.45
C ASN A 529 -23.97 28.47 -28.68
N LEU A 530 -23.12 29.47 -28.53
CA LEU A 530 -23.51 30.69 -27.83
C LEU A 530 -24.57 31.44 -28.62
N VAL A 531 -25.57 31.95 -27.90
CA VAL A 531 -26.67 32.71 -28.49
C VAL A 531 -26.72 34.07 -27.83
N LYS A 532 -26.59 35.13 -28.62
CA LYS A 532 -26.55 36.49 -28.12
C LYS A 532 -27.84 37.22 -28.47
N ASN A 533 -28.10 38.30 -27.74
CA ASN A 533 -29.22 39.20 -28.00
C ASN A 533 -30.55 38.47 -27.95
N LYS A 534 -30.68 37.51 -27.03
CA LYS A 534 -31.93 36.79 -26.84
C LYS A 534 -31.92 36.17 -25.46
N CYS A 535 -33.11 36.08 -24.87
CA CYS A 535 -33.25 35.51 -23.53
C CYS A 535 -32.87 34.04 -23.52
N VAL A 536 -31.77 33.71 -22.86
CA VAL A 536 -31.24 32.35 -22.83
C VAL A 536 -30.97 31.95 -21.39
N ASN A 537 -31.00 30.64 -21.14
CA ASN A 537 -30.74 30.09 -19.82
C ASN A 537 -29.28 29.63 -19.78
N PHE A 538 -28.38 30.59 -19.67
CA PHE A 538 -26.96 30.32 -19.79
C PHE A 538 -26.46 29.49 -18.62
N ASN A 539 -25.39 28.73 -18.87
CA ASN A 539 -24.74 27.90 -17.86
C ASN A 539 -23.22 28.09 -17.96
N PHE A 540 -22.78 29.34 -17.99
CA PHE A 540 -21.38 29.65 -18.24
C PHE A 540 -20.46 29.07 -17.17
N ASN A 541 -19.72 28.01 -17.51
CA ASN A 541 -18.65 27.47 -16.68
C ASN A 541 -19.13 27.13 -15.27
N GLY A 542 -20.38 26.69 -15.14
CA GLY A 542 -20.97 26.38 -13.86
C GLY A 542 -21.73 27.53 -13.21
N LEU A 543 -21.70 28.72 -13.80
CA LEU A 543 -22.43 29.87 -13.28
C LEU A 543 -23.81 29.90 -13.93
N THR A 544 -24.77 29.24 -13.29
CA THR A 544 -26.13 29.20 -13.81
C THR A 544 -26.79 30.58 -13.68
N GLY A 545 -27.99 30.67 -14.22
CA GLY A 545 -28.76 31.90 -14.15
C GLY A 545 -29.70 32.00 -15.35
N THR A 546 -30.00 33.24 -15.72
CA THR A 546 -30.86 33.52 -16.87
C THR A 546 -30.68 34.98 -17.25
N GLY A 547 -30.44 35.24 -18.53
CA GLY A 547 -30.29 36.61 -18.99
C GLY A 547 -30.01 36.64 -20.47
N VAL A 548 -29.83 37.86 -20.97
CA VAL A 548 -29.56 38.11 -22.38
C VAL A 548 -28.07 38.43 -22.50
N LEU A 549 -27.33 37.55 -23.16
CA LEU A 549 -25.88 37.70 -23.26
C LEU A 549 -25.55 38.62 -24.42
N THR A 550 -25.19 39.86 -24.09
CA THR A 550 -24.84 40.87 -25.08
C THR A 550 -23.35 41.16 -25.00
N GLU A 551 -22.68 41.15 -26.15
CA GLU A 551 -21.27 41.49 -26.19
C GLU A 551 -21.07 42.91 -25.68
N SER A 552 -20.07 43.09 -24.81
CA SER A 552 -19.83 44.36 -24.15
C SER A 552 -18.36 44.74 -24.31
N ASN A 553 -18.09 46.03 -24.09
CA ASN A 553 -16.74 46.57 -24.16
C ASN A 553 -16.08 46.68 -22.80
N LYS A 554 -16.45 45.79 -21.86
CA LYS A 554 -15.85 45.82 -20.54
C LYS A 554 -14.36 45.54 -20.62
N LYS A 555 -13.58 46.34 -19.90
CA LYS A 555 -12.12 46.22 -19.90
C LYS A 555 -11.73 45.13 -18.91
N PHE A 556 -11.87 43.88 -19.37
CA PHE A 556 -11.53 42.73 -18.54
C PHE A 556 -10.02 42.47 -18.58
N LEU A 557 -9.43 42.29 -17.41
CA LEU A 557 -8.04 41.92 -17.32
C LEU A 557 -7.86 40.46 -17.75
N PRO A 558 -6.64 40.08 -18.16
CA PRO A 558 -6.44 38.69 -18.61
C PRO A 558 -6.74 37.64 -17.56
N PHE A 559 -6.62 37.97 -16.28
CA PHE A 559 -6.85 37.01 -15.21
C PHE A 559 -8.21 37.15 -14.54
N GLN A 560 -9.13 37.91 -15.14
CA GLN A 560 -10.47 38.11 -14.60
C GLN A 560 -11.47 37.33 -15.44
N GLN A 561 -12.36 36.60 -14.77
CA GLN A 561 -13.33 35.74 -15.43
C GLN A 561 -14.73 36.33 -15.44
N PHE A 562 -15.26 36.67 -14.26
CA PHE A 562 -16.58 37.26 -14.13
C PHE A 562 -16.48 38.58 -13.39
N GLY A 563 -17.26 39.56 -13.82
CA GLY A 563 -17.17 40.90 -13.28
C GLY A 563 -17.92 41.12 -11.99
N ARG A 564 -19.23 40.86 -12.01
CA ARG A 564 -20.10 41.14 -10.87
C ARG A 564 -20.01 42.61 -10.44
N GLN B 1 20.58 3.48 4.92
CA GLN B 1 21.01 2.14 4.51
C GLN B 1 20.85 1.14 5.66
N VAL B 2 19.69 0.49 5.70
CA VAL B 2 19.42 -0.48 6.75
C VAL B 2 20.26 -1.73 6.52
N GLN B 3 20.95 -2.18 7.57
CA GLN B 3 21.78 -3.37 7.51
C GLN B 3 21.37 -4.32 8.63
N LEU B 4 21.17 -5.58 8.30
CA LEU B 4 20.79 -6.60 9.27
C LEU B 4 21.96 -7.56 9.45
N VAL B 5 22.40 -7.74 10.70
CA VAL B 5 23.51 -8.61 11.04
C VAL B 5 22.99 -9.71 11.96
N GLU B 6 23.31 -10.96 11.63
CA GLU B 6 22.85 -12.10 12.40
C GLU B 6 23.99 -12.61 13.29
N SER B 7 23.74 -13.73 13.97
CA SER B 7 24.75 -14.36 14.80
C SER B 7 25.64 -15.26 13.95
N GLY B 8 26.67 -15.83 14.58
CA GLY B 8 27.58 -16.71 13.89
C GLY B 8 26.98 -18.09 13.63
N ALA B 9 27.74 -18.90 12.93
CA ALA B 9 27.29 -20.25 12.62
C ALA B 9 27.12 -21.07 13.88
N GLU B 10 26.10 -21.91 13.90
CA GLU B 10 25.77 -22.73 15.06
C GLU B 10 25.78 -24.20 14.66
N VAL B 11 26.35 -25.04 15.52
CA VAL B 11 26.37 -26.49 15.34
C VAL B 11 25.70 -27.11 16.55
N LYS B 12 24.66 -27.89 16.32
CA LYS B 12 23.88 -28.50 17.39
C LYS B 12 23.69 -29.98 17.11
N LYS B 13 23.11 -30.68 18.09
CA LYS B 13 22.80 -32.09 18.01
C LYS B 13 21.29 -32.31 17.90
N PRO B 14 20.86 -33.39 17.26
CA PRO B 14 19.42 -33.64 17.13
C PRO B 14 18.74 -33.72 18.49
N GLY B 15 17.54 -33.16 18.56
CA GLY B 15 16.79 -33.09 19.80
C GLY B 15 17.05 -31.85 20.63
N SER B 16 18.05 -31.05 20.28
CA SER B 16 18.36 -29.84 21.02
C SER B 16 17.57 -28.66 20.45
N SER B 17 17.92 -27.45 20.89
CA SER B 17 17.25 -26.24 20.43
C SER B 17 18.29 -25.18 20.07
N VAL B 18 17.91 -24.29 19.16
CA VAL B 18 18.78 -23.22 18.68
C VAL B 18 18.02 -21.90 18.78
N LYS B 19 18.78 -20.81 18.82
CA LYS B 19 18.20 -19.47 18.92
C LYS B 19 19.15 -18.50 18.23
N VAL B 20 18.74 -17.96 17.09
CA VAL B 20 19.56 -17.07 16.31
C VAL B 20 19.12 -15.63 16.57
N SER B 21 19.93 -14.67 16.14
CA SER B 21 19.67 -13.26 16.37
C SER B 21 19.68 -12.50 15.04
N CYS B 22 19.14 -11.29 15.07
CA CYS B 22 19.10 -10.43 13.88
C CYS B 22 19.10 -8.99 14.37
N LYS B 23 20.27 -8.35 14.34
CA LYS B 23 20.41 -6.99 14.84
C LYS B 23 19.98 -6.01 13.76
N ALA B 24 18.87 -5.32 13.97
CA ALA B 24 18.39 -4.32 13.04
C ALA B 24 19.11 -2.99 13.29
N SER B 25 19.89 -2.56 12.30
CA SER B 25 20.67 -1.33 12.41
C SER B 25 20.13 -0.29 11.44
N GLY B 26 19.83 0.89 11.96
CA GLY B 26 19.33 1.98 11.14
C GLY B 26 17.83 1.92 10.94
N GLY B 27 17.27 3.07 10.56
CA GLY B 27 15.85 3.16 10.33
C GLY B 27 15.04 3.08 11.61
N ASN B 28 13.74 2.89 11.45
CA ASN B 28 12.82 2.74 12.56
C ASN B 28 12.49 1.26 12.73
N PHE B 29 12.80 0.72 13.91
CA PHE B 29 12.53 -0.68 14.19
C PHE B 29 11.06 -0.95 14.51
N ASN B 30 10.30 0.08 14.87
CA ASN B 30 8.96 -0.10 15.38
C ASN B 30 7.90 -0.28 14.30
N MET B 31 8.27 -0.20 13.02
CA MET B 31 7.30 -0.26 11.94
C MET B 31 7.46 -1.46 11.02
N TYR B 32 8.69 -1.82 10.66
CA TYR B 32 8.92 -2.90 9.72
C TYR B 32 9.02 -4.24 10.44
N THR B 33 8.41 -5.26 9.84
CA THR B 33 8.40 -6.59 10.43
C THR B 33 9.59 -7.40 9.93
N ILE B 34 10.17 -8.19 10.83
CA ILE B 34 11.31 -9.04 10.50
C ILE B 34 10.81 -10.46 10.31
N SER B 35 11.09 -11.04 9.16
CA SER B 35 10.64 -12.39 8.82
C SER B 35 11.84 -13.30 8.64
N TRP B 36 11.75 -14.50 9.22
CA TRP B 36 12.83 -15.47 9.20
C TRP B 36 12.57 -16.49 8.10
N VAL B 37 13.53 -16.61 7.18
CA VAL B 37 13.42 -17.51 6.04
C VAL B 37 14.59 -18.48 6.09
N ARG B 38 14.31 -19.77 5.96
CA ARG B 38 15.33 -20.80 5.99
C ARG B 38 15.44 -21.47 4.62
N GLN B 39 16.61 -22.03 4.34
CA GLN B 39 16.87 -22.66 3.05
C GLN B 39 17.76 -23.88 3.26
N ALA B 40 17.18 -25.07 3.22
CA ALA B 40 17.97 -26.28 3.26
C ALA B 40 18.77 -26.42 1.96
N PRO B 41 19.97 -26.98 2.03
CA PRO B 41 20.78 -27.11 0.81
C PRO B 41 20.07 -27.94 -0.25
N GLY B 42 20.20 -27.50 -1.50
CA GLY B 42 19.55 -28.20 -2.60
C GLY B 42 18.05 -28.02 -2.66
N ARG B 43 17.49 -27.09 -1.88
CA ARG B 43 16.05 -26.88 -1.84
C ARG B 43 15.75 -25.39 -1.88
N GLY B 44 14.50 -25.07 -2.20
CA GLY B 44 14.08 -23.68 -2.27
C GLY B 44 13.89 -23.07 -0.90
N LEU B 45 13.61 -21.77 -0.90
CA LEU B 45 13.43 -21.04 0.34
C LEU B 45 12.17 -21.51 1.06
N GLU B 46 12.13 -21.25 2.36
CA GLU B 46 11.00 -21.65 3.19
C GLU B 46 10.83 -20.61 4.28
N TRP B 47 9.57 -20.26 4.56
CA TRP B 47 9.27 -19.23 5.54
C TRP B 47 9.02 -19.87 6.91
N MET B 48 9.51 -19.21 7.95
CA MET B 48 9.45 -19.75 9.31
C MET B 48 8.50 -18.96 10.20
N GLY B 49 8.71 -17.65 10.33
CA GLY B 49 7.87 -16.86 11.22
C GLY B 49 8.11 -15.39 11.01
N ARG B 50 7.27 -14.59 11.67
CA ARG B 50 7.32 -13.14 11.55
C ARG B 50 7.24 -12.50 12.93
N PHE B 51 8.00 -11.43 13.12
CA PHE B 51 7.91 -10.60 14.31
C PHE B 51 7.36 -9.24 13.91
N ILE B 52 6.27 -8.83 14.53
CA ILE B 52 5.60 -7.57 14.18
C ILE B 52 5.85 -6.55 15.29
N PRO B 53 6.86 -5.69 15.14
CA PRO B 53 7.17 -4.75 16.22
C PRO B 53 6.04 -3.79 16.54
N ILE B 54 5.25 -3.39 15.55
CA ILE B 54 4.22 -2.38 15.77
C ILE B 54 3.11 -2.91 16.67
N ALA B 55 2.76 -4.19 16.50
CA ALA B 55 1.73 -4.82 17.33
C ALA B 55 2.31 -5.62 18.48
N ASN B 56 3.64 -5.70 18.58
CA ASN B 56 4.30 -6.48 19.63
C ASN B 56 3.83 -7.93 19.64
N LYS B 57 3.66 -8.49 18.44
CA LYS B 57 3.17 -9.85 18.27
C LYS B 57 4.16 -10.66 17.45
N ALA B 58 4.04 -11.98 17.55
CA ALA B 58 4.88 -12.90 16.80
C ALA B 58 4.00 -13.95 16.14
N ASN B 59 4.24 -14.21 14.85
CA ASN B 59 3.50 -15.20 14.11
C ASN B 59 4.43 -16.31 13.65
N TYR B 60 3.89 -17.52 13.55
CA TYR B 60 4.65 -18.69 13.14
C TYR B 60 3.94 -19.38 11.98
N ALA B 61 4.74 -20.09 11.17
CA ALA B 61 4.19 -20.79 10.02
C ALA B 61 3.31 -21.95 10.46
N GLN B 62 2.31 -22.27 9.63
CA GLN B 62 1.40 -23.36 9.93
C GLN B 62 2.12 -24.71 9.96
N ASN B 63 3.12 -24.88 9.10
CA ASN B 63 3.86 -26.14 9.06
C ASN B 63 4.77 -26.34 10.27
N PHE B 64 4.93 -25.33 11.11
CA PHE B 64 5.78 -25.41 12.31
C PHE B 64 4.91 -25.10 13.53
N PRO B 65 4.13 -26.08 13.99
CA PRO B 65 3.26 -25.85 15.15
C PRO B 65 4.05 -25.88 16.46
N GLY B 66 4.26 -24.70 17.04
CA GLY B 66 4.95 -24.58 18.30
C GLY B 66 6.45 -24.76 18.25
N ARG B 67 7.02 -25.05 17.07
CA ARG B 67 8.45 -25.24 16.97
C ARG B 67 9.22 -23.93 17.01
N VAL B 68 8.59 -22.83 16.58
CA VAL B 68 9.26 -21.54 16.46
C VAL B 68 8.62 -20.56 17.44
N THR B 69 9.44 -19.91 18.24
CA THR B 69 8.99 -18.87 19.17
C THR B 69 9.90 -17.67 18.97
N ILE B 70 9.34 -16.57 18.45
CA ILE B 70 10.09 -15.40 18.06
C ILE B 70 9.85 -14.29 19.07
N THR B 71 10.93 -13.76 19.64
CA THR B 71 10.88 -12.63 20.55
C THR B 71 11.92 -11.61 20.11
N ALA B 72 11.89 -10.44 20.73
CA ALA B 72 12.85 -9.40 20.40
C ALA B 72 12.95 -8.41 21.54
N ASP B 73 14.10 -7.73 21.59
CA ASP B 73 14.37 -6.68 22.56
C ASP B 73 14.31 -5.36 21.80
N LYS B 74 13.18 -4.64 21.94
CA LYS B 74 13.02 -3.38 21.21
C LYS B 74 14.00 -2.31 21.66
N SER B 75 14.58 -2.46 22.86
CA SER B 75 15.56 -1.49 23.32
C SER B 75 16.82 -1.50 22.46
N THR B 76 17.29 -2.69 22.10
CA THR B 76 18.50 -2.83 21.30
C THR B 76 18.22 -3.18 19.85
N SER B 77 16.94 -3.21 19.44
CA SER B 77 16.54 -3.51 18.06
C SER B 77 17.12 -4.84 17.60
N THR B 78 17.04 -5.85 18.46
CA THR B 78 17.54 -7.18 18.17
C THR B 78 16.39 -8.18 18.21
N VAL B 79 16.28 -8.99 17.16
CA VAL B 79 15.23 -9.99 17.03
C VAL B 79 15.84 -11.38 17.20
N TYR B 80 15.24 -12.18 18.07
CA TYR B 80 15.69 -13.54 18.34
C TYR B 80 14.62 -14.53 17.89
N MET B 81 15.02 -15.50 17.08
CA MET B 81 14.13 -16.56 16.63
C MET B 81 14.60 -17.87 17.24
N GLU B 82 13.71 -18.52 17.99
CA GLU B 82 14.02 -19.76 18.69
C GLU B 82 13.36 -20.91 17.96
N LEU B 83 14.16 -21.90 17.55
CA LEU B 83 13.67 -23.11 16.94
C LEU B 83 13.93 -24.28 17.89
N ARG B 84 12.91 -25.09 18.13
CA ARG B 84 12.97 -26.15 19.11
C ARG B 84 12.88 -27.52 18.42
N SER B 85 13.44 -28.53 19.09
CA SER B 85 13.44 -29.91 18.62
C SER B 85 14.12 -30.03 17.25
N LEU B 86 15.39 -29.64 17.22
CA LEU B 86 16.17 -29.72 15.99
C LEU B 86 16.34 -31.18 15.56
N THR B 87 16.30 -31.40 14.26
CA THR B 87 16.48 -32.73 13.67
C THR B 87 17.48 -32.64 12.52
N SER B 88 17.69 -33.77 11.85
CA SER B 88 18.62 -33.80 10.73
C SER B 88 18.13 -33.04 9.52
N ASP B 89 16.83 -32.74 9.45
CA ASP B 89 16.25 -32.01 8.32
C ASP B 89 16.19 -30.52 8.54
N ASP B 90 16.71 -30.02 9.67
CA ASP B 90 16.69 -28.58 9.97
C ASP B 90 18.04 -27.92 9.74
N THR B 91 18.97 -28.60 9.06
CA THR B 91 20.25 -28.00 8.70
C THR B 91 20.02 -27.05 7.54
N ALA B 92 19.92 -25.75 7.84
CA ALA B 92 19.60 -24.77 6.82
C ALA B 92 20.09 -23.40 7.25
N VAL B 93 20.32 -22.53 6.27
CA VAL B 93 20.72 -21.15 6.54
C VAL B 93 19.46 -20.38 6.92
N TYR B 94 19.48 -19.75 8.09
CA TYR B 94 18.30 -19.09 8.63
C TYR B 94 18.45 -17.58 8.42
N TYR B 95 18.00 -17.10 7.26
CA TYR B 95 18.02 -15.68 6.99
C TYR B 95 16.98 -14.95 7.83
N CYS B 96 17.22 -13.66 8.06
CA CYS B 96 16.20 -12.76 8.61
C CYS B 96 15.98 -11.65 7.61
N ALA B 97 14.73 -11.42 7.25
CA ALA B 97 14.36 -10.49 6.20
C ALA B 97 13.41 -9.44 6.74
N ARG B 98 13.60 -8.19 6.30
CA ARG B 98 12.81 -7.06 6.78
C ARG B 98 11.77 -6.73 5.72
N SER B 99 10.53 -7.16 5.95
CA SER B 99 9.44 -6.93 5.01
C SER B 99 9.00 -5.47 5.12
N GLY B 100 9.82 -4.59 4.55
CA GLY B 100 9.64 -3.16 4.70
C GLY B 100 8.85 -2.53 3.57
N SER B 101 8.14 -1.45 3.92
CA SER B 101 7.42 -0.62 2.97
C SER B 101 6.30 -1.37 2.26
N TYR B 102 6.65 -2.30 1.37
CA TYR B 102 5.68 -2.95 0.51
C TYR B 102 5.60 -4.45 0.78
N ASP B 103 5.76 -4.86 2.03
CA ASP B 103 5.54 -6.24 2.48
C ASP B 103 6.53 -7.22 1.87
N ALA B 104 7.45 -6.75 1.03
CA ALA B 104 8.42 -7.61 0.40
C ALA B 104 9.76 -7.51 1.11
N PHE B 105 10.50 -8.62 1.12
CA PHE B 105 11.75 -8.73 1.86
C PHE B 105 12.84 -7.96 1.11
N ASP B 106 12.82 -6.63 1.28
CA ASP B 106 13.77 -5.80 0.54
C ASP B 106 15.17 -5.92 1.11
N VAL B 107 15.30 -6.04 2.43
CA VAL B 107 16.60 -6.15 3.09
C VAL B 107 16.71 -7.53 3.72
N TRP B 108 17.72 -8.28 3.32
CA TRP B 108 17.98 -9.61 3.85
C TRP B 108 19.25 -9.59 4.68
N GLY B 109 19.26 -10.35 5.76
CA GLY B 109 20.45 -10.51 6.56
C GLY B 109 21.50 -11.35 5.85
N GLN B 110 22.69 -11.40 6.45
CA GLN B 110 23.76 -12.19 5.86
C GLN B 110 23.49 -13.68 5.96
N GLY B 111 22.66 -14.12 6.89
CA GLY B 111 22.33 -15.52 7.02
C GLY B 111 23.33 -16.31 7.83
N THR B 112 22.84 -17.14 8.75
CA THR B 112 23.68 -17.99 9.59
C THR B 112 23.42 -19.44 9.24
N MET B 113 24.49 -20.23 9.09
CA MET B 113 24.40 -21.63 8.73
C MET B 113 24.28 -22.45 10.01
N VAL B 114 23.10 -23.02 10.25
CA VAL B 114 22.84 -23.83 11.43
C VAL B 114 22.92 -25.30 11.02
N THR B 115 23.88 -26.03 11.59
CA THR B 115 24.10 -27.43 11.27
C THR B 115 23.68 -28.28 12.46
N VAL B 116 22.79 -29.25 12.21
CA VAL B 116 22.31 -30.15 13.24
C VAL B 116 22.75 -31.55 12.87
N SER B 117 23.63 -32.13 13.70
CA SER B 117 24.14 -33.47 13.45
C SER B 117 24.75 -33.99 14.75
N SER B 118 25.17 -35.25 14.73
CA SER B 118 25.78 -35.87 15.89
C SER B 118 27.21 -35.39 16.09
N ALA C 1 -3.37 -22.63 3.65
CA ALA C 1 -2.02 -22.49 3.09
C ALA C 1 -2.06 -22.43 1.57
N ILE C 2 -1.57 -21.33 1.02
CA ILE C 2 -1.54 -21.13 -0.42
C ILE C 2 -0.27 -21.74 -0.98
N ARG C 3 -0.43 -22.62 -1.96
CA ARG C 3 0.71 -23.31 -2.58
C ARG C 3 1.06 -22.62 -3.89
N MET C 4 2.35 -22.35 -4.07
CA MET C 4 2.85 -21.69 -5.28
C MET C 4 3.57 -22.71 -6.16
N THR C 5 3.35 -22.61 -7.46
CA THR C 5 3.96 -23.51 -8.44
C THR C 5 4.69 -22.68 -9.48
N GLN C 6 5.94 -23.04 -9.75
CA GLN C 6 6.72 -22.37 -10.78
C GLN C 6 6.89 -23.27 -12.00
N SER C 7 7.17 -22.63 -13.13
CA SER C 7 7.40 -23.33 -14.39
C SER C 7 8.09 -22.41 -15.37
N PRO C 8 9.19 -22.84 -16.01
CA PRO C 8 9.82 -24.15 -15.77
C PRO C 8 10.68 -24.16 -14.51
N SER C 9 10.79 -25.32 -13.86
CA SER C 9 11.65 -25.43 -12.68
C SER C 9 13.11 -25.21 -13.04
N THR C 10 13.54 -25.77 -14.18
CA THR C 10 14.91 -25.60 -14.66
C THR C 10 14.85 -25.08 -16.09
N LEU C 11 15.61 -24.03 -16.36
CA LEU C 11 15.57 -23.36 -17.65
C LEU C 11 16.99 -23.01 -18.09
N SER C 12 17.19 -22.93 -19.41
CA SER C 12 18.49 -22.59 -19.97
C SER C 12 18.29 -21.61 -21.13
N ALA C 13 19.18 -20.62 -21.21
CA ALA C 13 19.11 -19.62 -22.26
C ALA C 13 20.48 -18.98 -22.42
N SER C 14 20.66 -18.31 -23.54
CA SER C 14 21.92 -17.64 -23.86
C SER C 14 21.84 -16.16 -23.51
N VAL C 15 22.95 -15.47 -23.69
CA VAL C 15 23.05 -14.05 -23.34
C VAL C 15 22.34 -13.22 -24.40
N GLY C 16 21.45 -12.33 -23.96
CA GLY C 16 20.75 -11.44 -24.85
C GLY C 16 19.40 -11.94 -25.35
N ASP C 17 19.01 -13.15 -24.99
CA ASP C 17 17.74 -13.70 -25.44
C ASP C 17 16.61 -13.27 -24.50
N ARG C 18 15.41 -13.74 -24.79
CA ARG C 18 14.22 -13.44 -23.98
C ARG C 18 13.85 -14.66 -23.15
N VAL C 19 13.64 -14.46 -21.86
CA VAL C 19 13.37 -15.54 -20.91
C VAL C 19 12.04 -15.24 -20.21
N THR C 20 11.19 -16.26 -20.12
CA THR C 20 9.90 -16.14 -19.47
C THR C 20 9.78 -17.22 -18.39
N ILE C 21 9.39 -16.80 -17.19
CA ILE C 21 9.21 -17.70 -16.05
C ILE C 21 7.79 -17.51 -15.53
N THR C 22 7.06 -18.60 -15.38
CA THR C 22 5.67 -18.56 -14.94
C THR C 22 5.57 -19.17 -13.55
N CYS C 23 5.03 -18.40 -12.62
CA CYS C 23 4.81 -18.84 -11.24
C CYS C 23 3.32 -18.75 -10.95
N ARG C 24 2.63 -19.87 -11.01
CA ARG C 24 1.19 -19.93 -10.89
C ARG C 24 0.79 -20.27 -9.45
N ALA C 25 -0.12 -19.48 -8.89
CA ALA C 25 -0.60 -19.71 -7.55
C ALA C 25 -1.71 -20.76 -7.55
N SER C 26 -2.19 -21.11 -6.35
CA SER C 26 -3.32 -22.00 -6.21
C SER C 26 -4.60 -21.28 -5.83
N GLN C 27 -4.50 -20.14 -5.17
CA GLN C 27 -5.66 -19.32 -4.85
C GLN C 27 -5.41 -17.90 -5.36
N THR C 28 -6.49 -17.13 -5.47
CA THR C 28 -6.39 -15.75 -5.91
C THR C 28 -5.64 -14.94 -4.87
N ILE C 29 -4.42 -14.52 -5.21
CA ILE C 29 -3.61 -13.72 -4.30
C ILE C 29 -3.56 -12.29 -4.81
N ASN C 30 -4.57 -11.90 -5.58
CA ASN C 30 -4.65 -10.57 -6.18
C ASN C 30 -3.38 -10.26 -6.94
N SER C 31 -2.69 -9.19 -6.57
CA SER C 31 -1.41 -8.83 -7.16
C SER C 31 -0.27 -8.89 -6.16
N TRP C 32 -0.49 -9.42 -4.97
CA TRP C 32 0.57 -9.53 -3.97
C TRP C 32 1.48 -10.68 -4.34
N LEU C 33 2.62 -10.36 -4.94
CA LEU C 33 3.61 -11.37 -5.32
C LEU C 33 4.93 -10.71 -5.65
N ALA C 34 6.02 -11.24 -5.11
CA ALA C 34 7.34 -10.66 -5.28
C ALA C 34 8.30 -11.67 -5.91
N TRP C 35 9.20 -11.17 -6.73
CA TRP C 35 10.18 -12.00 -7.43
C TRP C 35 11.58 -11.71 -6.89
N TYR C 36 12.29 -12.77 -6.52
CA TYR C 36 13.63 -12.66 -5.97
C TYR C 36 14.66 -13.21 -6.94
N GLN C 37 15.93 -13.06 -6.57
CA GLN C 37 17.05 -13.62 -7.31
C GLN C 37 18.12 -14.01 -6.31
N GLN C 38 18.47 -15.30 -6.28
CA GLN C 38 19.41 -15.81 -5.29
C GLN C 38 20.61 -16.42 -6.01
N LYS C 39 21.65 -15.63 -6.21
CA LYS C 39 22.92 -16.19 -6.65
C LYS C 39 23.47 -17.09 -5.54
N PRO C 40 24.05 -18.23 -5.90
CA PRO C 40 24.51 -19.17 -4.86
C PRO C 40 25.54 -18.52 -3.93
N GLY C 41 25.39 -18.79 -2.64
CA GLY C 41 26.25 -18.22 -1.64
C GLY C 41 25.89 -16.82 -1.19
N LYS C 42 24.78 -16.27 -1.66
CA LYS C 42 24.36 -14.93 -1.30
C LYS C 42 22.89 -14.95 -0.89
N ALA C 43 22.49 -13.90 -0.17
CA ALA C 43 21.09 -13.76 0.19
C ALA C 43 20.28 -13.29 -1.01
N PRO C 44 19.06 -13.80 -1.18
CA PRO C 44 18.23 -13.35 -2.30
C PRO C 44 17.93 -11.87 -2.20
N LYS C 45 17.89 -11.20 -3.36
CA LYS C 45 17.57 -9.79 -3.43
C LYS C 45 16.25 -9.60 -4.15
N LEU C 46 15.49 -8.59 -3.71
CA LEU C 46 14.18 -8.34 -4.30
C LEU C 46 14.34 -7.73 -5.69
N LEU C 47 13.50 -8.19 -6.61
CA LEU C 47 13.45 -7.64 -7.97
C LEU C 47 12.10 -7.01 -8.28
N ILE C 48 11.02 -7.76 -8.09
CA ILE C 48 9.67 -7.32 -8.41
C ILE C 48 8.86 -7.34 -7.13
N TYR C 49 8.00 -6.33 -6.94
CA TYR C 49 7.03 -6.36 -5.85
C TYR C 49 5.69 -5.90 -6.40
N ASP C 50 4.62 -6.38 -5.78
CA ASP C 50 3.25 -6.20 -6.27
C ASP C 50 3.07 -6.78 -7.68
N ALA C 51 3.96 -7.68 -8.07
CA ALA C 51 3.86 -8.50 -9.28
C ALA C 51 4.06 -7.70 -10.56
N SER C 52 4.15 -6.38 -10.46
CA SER C 52 4.43 -5.57 -11.65
C SER C 52 5.46 -4.48 -11.44
N ASN C 53 5.69 -4.00 -10.22
CA ASN C 53 6.63 -2.92 -10.01
C ASN C 53 8.07 -3.42 -10.12
N LEU C 54 9.01 -2.49 -10.08
CA LEU C 54 10.43 -2.79 -10.16
C LEU C 54 11.13 -2.20 -8.94
N GLU C 55 11.85 -3.04 -8.21
CA GLU C 55 12.55 -2.59 -7.02
C GLU C 55 13.66 -1.61 -7.39
N SER C 56 13.86 -0.60 -6.55
CA SER C 56 14.86 0.42 -6.82
C SER C 56 16.25 -0.20 -6.85
N GLY C 57 17.02 0.16 -7.88
CA GLY C 57 18.34 -0.39 -8.08
C GLY C 57 18.41 -1.62 -8.97
N VAL C 58 17.27 -2.24 -9.24
CA VAL C 58 17.20 -3.38 -10.15
C VAL C 58 17.32 -2.88 -11.58
N PRO C 59 18.13 -3.52 -12.44
CA PRO C 59 18.19 -3.09 -13.84
C PRO C 59 16.82 -3.16 -14.50
N SER C 60 16.56 -2.19 -15.38
CA SER C 60 15.25 -2.04 -15.99
C SER C 60 14.86 -3.20 -16.89
N ARG C 61 15.81 -4.08 -17.25
CA ARG C 61 15.49 -5.20 -18.13
C ARG C 61 14.52 -6.18 -17.48
N PHE C 62 14.40 -6.18 -16.16
CA PHE C 62 13.46 -7.07 -15.49
C PHE C 62 12.06 -6.48 -15.53
N SER C 63 11.09 -7.30 -15.95
CA SER C 63 9.70 -6.88 -16.03
C SER C 63 8.80 -8.01 -15.58
N GLY C 64 7.80 -7.68 -14.77
CA GLY C 64 6.85 -8.66 -14.30
C GLY C 64 5.43 -8.32 -14.70
N SER C 65 4.56 -9.32 -14.77
CA SER C 65 3.18 -9.10 -15.18
C SER C 65 2.30 -10.18 -14.56
N GLY C 66 1.01 -10.11 -14.87
CA GLY C 66 0.06 -11.10 -14.39
C GLY C 66 -0.59 -10.69 -13.09
N SER C 67 -1.79 -11.22 -12.88
CA SER C 67 -2.54 -10.99 -11.65
C SER C 67 -3.55 -12.12 -11.49
N GLY C 68 -4.03 -12.30 -10.26
CA GLY C 68 -4.99 -13.35 -9.99
C GLY C 68 -4.33 -14.63 -9.53
N THR C 69 -4.14 -15.58 -10.45
CA THR C 69 -3.54 -16.85 -10.13
C THR C 69 -2.28 -17.19 -10.92
N GLU C 70 -2.07 -16.59 -12.09
CA GLU C 70 -0.89 -16.84 -12.90
C GLU C 70 -0.09 -15.56 -13.04
N PHE C 71 1.19 -15.62 -12.68
CA PHE C 71 2.10 -14.50 -12.81
C PHE C 71 3.24 -14.88 -13.74
N THR C 72 4.07 -13.90 -14.07
CA THR C 72 5.11 -14.10 -15.07
C THR C 72 6.22 -13.08 -14.89
N LEU C 73 7.46 -13.56 -14.84
CA LEU C 73 8.65 -12.73 -14.85
C LEU C 73 9.37 -12.88 -16.18
N THR C 74 9.77 -11.76 -16.77
CA THR C 74 10.38 -11.77 -18.08
C THR C 74 11.57 -10.83 -18.10
N ILE C 75 12.67 -11.29 -18.72
CA ILE C 75 13.89 -10.52 -18.86
C ILE C 75 14.02 -10.14 -20.33
N SER C 76 14.03 -8.84 -20.62
CA SER C 76 14.08 -8.38 -22.00
C SER C 76 15.39 -8.75 -22.66
N SER C 77 16.51 -8.44 -22.02
CA SER C 77 17.85 -8.72 -22.54
C SER C 77 18.63 -9.46 -21.47
N LEU C 78 18.69 -10.78 -21.59
CA LEU C 78 19.39 -11.59 -20.60
C LEU C 78 20.88 -11.25 -20.60
N GLN C 79 21.47 -11.25 -19.42
CA GLN C 79 22.87 -10.88 -19.22
C GLN C 79 23.57 -11.98 -18.45
N PRO C 80 24.89 -12.07 -18.56
CA PRO C 80 25.62 -13.08 -17.77
C PRO C 80 25.43 -12.92 -16.27
N ASP C 81 25.23 -11.70 -15.79
CA ASP C 81 25.03 -11.48 -14.35
C ASP C 81 23.66 -11.95 -13.89
N ASP C 82 22.72 -12.19 -14.80
CA ASP C 82 21.35 -12.54 -14.43
C ASP C 82 21.11 -14.04 -14.39
N PHE C 83 22.15 -14.84 -14.18
CA PHE C 83 22.01 -16.29 -14.08
C PHE C 83 22.01 -16.68 -12.60
N ALA C 84 20.83 -17.01 -12.09
CA ALA C 84 20.66 -17.38 -10.69
C ALA C 84 19.33 -18.11 -10.56
N THR C 85 18.88 -18.31 -9.32
CA THR C 85 17.61 -18.96 -9.04
C THR C 85 16.59 -17.90 -8.62
N TYR C 86 15.44 -17.90 -9.29
CA TYR C 86 14.42 -16.89 -9.09
C TYR C 86 13.22 -17.50 -8.38
N TYR C 87 12.83 -16.89 -7.27
CA TYR C 87 11.71 -17.34 -6.45
C TYR C 87 10.57 -16.34 -6.54
N CYS C 88 9.36 -16.79 -6.21
CA CYS C 88 8.18 -15.95 -6.21
C CYS C 88 7.48 -16.08 -4.86
N GLN C 89 7.32 -14.97 -4.16
CA GLN C 89 6.60 -14.92 -2.91
C GLN C 89 5.11 -14.66 -3.16
N GLN C 90 4.30 -14.91 -2.14
CA GLN C 90 2.85 -14.79 -2.26
C GLN C 90 2.27 -14.04 -1.07
N TYR C 91 2.83 -12.87 -0.76
CA TYR C 91 2.48 -12.24 0.50
C TYR C 91 1.04 -11.74 0.49
N GLU C 92 0.11 -12.68 0.36
CA GLU C 92 -1.32 -12.44 0.50
C GLU C 92 -1.89 -13.14 1.72
N SER C 93 -1.25 -14.21 2.19
CA SER C 93 -1.56 -14.83 3.46
C SER C 93 -0.27 -14.99 4.25
N TYR C 94 -0.27 -14.51 5.49
CA TYR C 94 0.90 -14.54 6.35
C TYR C 94 0.89 -15.76 7.25
N SER C 95 0.29 -16.85 6.77
CA SER C 95 0.21 -18.07 7.56
C SER C 95 -0.06 -19.28 6.68
N PRO C 96 0.96 -19.85 6.03
CA PRO C 96 2.33 -19.33 5.96
C PRO C 96 2.65 -18.73 4.59
N ILE C 97 3.62 -17.83 4.54
CA ILE C 97 4.09 -17.32 3.26
C ILE C 97 4.83 -18.42 2.53
N THR C 98 4.50 -18.63 1.26
CA THR C 98 5.02 -19.74 0.48
C THR C 98 5.83 -19.20 -0.69
N PHE C 99 7.10 -19.56 -0.75
CA PHE C 99 7.91 -19.21 -1.90
C PHE C 99 7.67 -20.18 -3.04
N GLY C 100 8.28 -19.90 -4.18
CA GLY C 100 8.24 -20.82 -5.29
C GLY C 100 9.24 -21.94 -5.13
N GLN C 101 9.10 -22.96 -5.99
CA GLN C 101 10.01 -24.10 -5.94
C GLN C 101 11.40 -23.78 -6.45
N GLY C 102 11.58 -22.63 -7.09
CA GLY C 102 12.90 -22.23 -7.57
C GLY C 102 13.09 -22.45 -9.05
N THR C 103 13.45 -21.39 -9.77
CA THR C 103 13.70 -21.46 -11.21
C THR C 103 15.18 -21.14 -11.44
N ARG C 104 15.97 -22.18 -11.68
CA ARG C 104 17.39 -22.01 -11.92
C ARG C 104 17.61 -21.71 -13.40
N LEU C 105 18.29 -20.61 -13.69
CA LEU C 105 18.57 -20.19 -15.05
C LEU C 105 20.03 -20.47 -15.36
N GLU C 106 20.28 -21.24 -16.41
CA GLU C 106 21.62 -21.70 -16.76
C GLU C 106 22.02 -21.18 -18.13
N ILE C 107 23.33 -21.08 -18.34
CA ILE C 107 23.85 -20.64 -19.63
C ILE C 107 23.67 -21.75 -20.65
N LYS C 108 23.11 -21.40 -21.80
CA LYS C 108 22.87 -22.38 -22.86
C LYS C 108 24.14 -22.65 -23.66
#